data_6CHN
#
_entry.id   6CHN
#
_cell.length_a   134.804
_cell.length_b   134.804
_cell.length_c   134.804
_cell.angle_alpha   90.000
_cell.angle_beta   90.000
_cell.angle_gamma   90.000
#
_symmetry.space_group_name_H-M   'I 2 3'
#
loop_
_entity.id
_entity.type
_entity.pdbx_description
1 polymer 'Phosphopantetheine adenylyltransferase'
2 non-polymer 'methyl 4-(3-{(1R)-2-cyano-1-[(5-methyl-7-oxo-6,7-dihydro[1,2,4]triazolo[1,5-a]pyrimidin-2-yl)amino]ethyl}phenoxy)piperidine-1-carboxylate'
3 non-polymer 'SULFATE ION'
4 non-polymer DI(HYDROXYETHYL)ETHER
5 non-polymer 'TETRAETHYLENE GLYCOL'
6 water water
#
_entity_poly.entity_id   1
_entity_poly.type   'polypeptide(L)'
_entity_poly.pdbx_seq_one_letter_code
;MQKRAIYPGTFDPITNGHIDIVTRATQMFDHVILAIAASPSKKPMFTLEERVALAQQATAHLGNVEVVGFSDLMANFARN
QHATVLIRGLRAVADFEYEMQLAHMNRHLMPELESVFLMPSKEWSFISSSLVKEVARHQGDVTHFLPENVHQALMAKLAV
D
;
_entity_poly.pdbx_strand_id   A,B
#
loop_
_chem_comp.id
_chem_comp.type
_chem_comp.name
_chem_comp.formula
F1D non-polymer 'methyl 4-(3-{(1R)-2-cyano-1-[(5-methyl-7-oxo-6,7-dihydro[1,2,4]triazolo[1,5-a]pyrimidin-2-yl)amino]ethyl}phenoxy)piperidine-1-carboxylate' 'C22 H25 N7 O4'
PEG non-polymer DI(HYDROXYETHYL)ETHER 'C4 H10 O3'
PG4 non-polymer 'TETRAETHYLENE GLYCOL' 'C8 H18 O5'
SO4 non-polymer 'SULFATE ION' 'O4 S -2'
#
# COMPACT_ATOMS: atom_id res chain seq x y z
N LYS A 3 -16.64 5.01 -1.92
CA LYS A 3 -15.48 4.24 -1.46
C LYS A 3 -15.02 4.71 -0.08
N ARG A 4 -15.11 3.82 0.90
CA ARG A 4 -14.77 4.15 2.28
C ARG A 4 -13.52 3.44 2.75
N ALA A 5 -12.59 4.21 3.32
CA ALA A 5 -11.34 3.66 3.85
C ALA A 5 -11.20 3.90 5.34
N ILE A 6 -10.57 2.98 6.04
N ILE A 6 -10.54 2.97 6.04
CA ILE A 6 -10.30 3.13 7.46
CA ILE A 6 -10.24 3.11 7.47
C ILE A 6 -8.78 3.22 7.68
C ILE A 6 -8.75 3.22 7.67
N TYR A 7 -8.33 4.17 8.51
CA TYR A 7 -6.93 4.37 8.85
C TYR A 7 -6.83 4.16 10.38
N PRO A 8 -6.52 2.92 10.81
CA PRO A 8 -6.47 2.64 12.24
C PRO A 8 -5.08 2.72 12.85
N GLY A 9 -5.05 2.84 14.17
CA GLY A 9 -3.81 2.90 14.92
C GLY A 9 -4.10 3.37 16.32
N THR A 10 -3.04 3.50 17.13
N THR A 10 -3.06 3.50 17.15
CA THR A 10 -3.11 3.92 18.52
CA THR A 10 -3.19 3.97 18.53
C THR A 10 -3.05 5.46 18.61
C THR A 10 -3.10 5.49 18.60
N PHE A 11 -2.37 6.12 17.64
CA PHE A 11 -2.26 7.60 17.52
C PHE A 11 -2.07 8.27 18.88
N ASP A 12 -1.04 7.84 19.60
CA ASP A 12 -0.75 8.29 20.97
C ASP A 12 0.54 9.12 21.11
N PRO A 13 0.58 10.40 20.63
CA PRO A 13 -0.51 11.13 19.94
C PRO A 13 -0.32 11.11 18.42
N ILE A 14 -1.33 11.62 17.71
CA ILE A 14 -1.26 11.76 16.25
C ILE A 14 -0.05 12.68 15.90
N THR A 15 0.78 12.30 14.91
CA THR A 15 1.95 13.12 14.52
C THR A 15 1.71 13.68 13.14
N ASN A 16 2.68 14.47 12.62
CA ASN A 16 2.66 14.94 11.22
C ASN A 16 2.82 13.77 10.24
N GLY A 17 3.44 12.66 10.69
CA GLY A 17 3.54 11.44 9.88
C GLY A 17 2.15 10.89 9.60
N HIS A 18 1.32 10.84 10.66
CA HIS A 18 -0.08 10.39 10.53
C HIS A 18 -0.92 11.39 9.71
N ILE A 19 -0.67 12.69 9.86
CA ILE A 19 -1.41 13.71 9.10
C ILE A 19 -1.12 13.53 7.61
N ASP A 20 0.16 13.32 7.28
CA ASP A 20 0.59 13.11 5.93
C ASP A 20 -0.14 11.89 5.31
N ILE A 21 -0.16 10.74 6.02
CA ILE A 21 -0.82 9.50 5.51
C ILE A 21 -2.34 9.69 5.32
N VAL A 22 -3.03 10.26 6.34
CA VAL A 22 -4.48 10.49 6.24
C VAL A 22 -4.79 11.49 5.11
N THR A 23 -3.94 12.53 4.90
CA THR A 23 -4.15 13.49 3.79
C THR A 23 -4.09 12.76 2.46
N ARG A 24 -3.05 11.92 2.27
CA ARG A 24 -2.89 11.11 1.04
C ARG A 24 -4.11 10.22 0.85
N ALA A 25 -4.62 9.62 1.94
CA ALA A 25 -5.78 8.73 1.87
C ALA A 25 -7.05 9.48 1.38
N THR A 26 -7.28 10.72 1.86
CA THR A 26 -8.43 11.57 1.46
C THR A 26 -8.39 12.00 0.00
N GLN A 27 -7.19 11.97 -0.63
CA GLN A 27 -7.05 12.32 -2.06
C GLN A 27 -7.40 11.11 -2.95
N MET A 28 -7.53 9.94 -2.33
N MET A 28 -7.49 9.91 -2.34
CA MET A 28 -7.79 8.69 -3.02
CA MET A 28 -7.76 8.66 -3.03
C MET A 28 -9.20 8.18 -2.82
C MET A 28 -9.17 8.10 -2.80
N PHE A 29 -9.70 8.28 -1.59
CA PHE A 29 -11.01 7.76 -1.19
C PHE A 29 -11.97 8.84 -0.77
N ASP A 30 -13.25 8.63 -1.05
CA ASP A 30 -14.32 9.59 -0.78
C ASP A 30 -14.49 9.89 0.70
N HIS A 31 -14.34 8.86 1.56
CA HIS A 31 -14.50 9.03 2.99
C HIS A 31 -13.46 8.20 3.70
N VAL A 32 -12.79 8.84 4.64
CA VAL A 32 -11.74 8.21 5.42
C VAL A 32 -12.11 8.24 6.90
N ILE A 33 -12.15 7.08 7.54
CA ILE A 33 -12.38 6.98 8.98
C ILE A 33 -11.02 6.85 9.65
N LEU A 34 -10.60 7.83 10.48
CA LEU A 34 -9.36 7.70 11.22
C LEU A 34 -9.80 7.05 12.53
N ALA A 35 -9.38 5.80 12.77
CA ALA A 35 -9.89 4.99 13.87
C ALA A 35 -8.87 4.76 14.94
N ILE A 36 -9.18 5.24 16.14
CA ILE A 36 -8.23 5.16 17.24
C ILE A 36 -8.53 4.03 18.20
N ALA A 37 -7.57 3.11 18.33
CA ALA A 37 -7.68 1.96 19.23
C ALA A 37 -7.59 2.41 20.70
N ALA A 38 -8.56 1.99 21.55
CA ALA A 38 -8.53 2.36 22.97
C ALA A 38 -7.19 1.91 23.58
N SER A 39 -6.72 0.69 23.18
CA SER A 39 -5.43 0.06 23.53
C SER A 39 -5.02 0.23 25.01
N PRO A 40 -5.88 -0.11 26.00
CA PRO A 40 -5.45 0.06 27.41
C PRO A 40 -4.21 -0.74 27.80
N SER A 41 -4.00 -1.94 27.18
CA SER A 41 -2.87 -2.85 27.46
C SER A 41 -1.49 -2.25 27.22
N LYS A 42 -1.38 -1.22 26.34
CA LYS A 42 -0.13 -0.56 26.03
C LYS A 42 0.09 0.67 26.91
N LYS A 43 -0.85 0.93 27.85
CA LYS A 43 -0.86 2.06 28.78
C LYS A 43 -0.54 3.37 28.00
N PRO A 44 -1.45 3.83 27.11
CA PRO A 44 -1.14 5.04 26.33
C PRO A 44 -0.90 6.27 27.20
N MET A 45 -0.16 7.24 26.68
CA MET A 45 0.08 8.49 27.43
C MET A 45 -1.21 9.30 27.53
N PHE A 46 -1.99 9.32 26.44
CA PHE A 46 -3.24 10.06 26.34
C PHE A 46 -4.41 9.11 26.38
N THR A 47 -5.51 9.53 27.03
CA THR A 47 -6.71 8.69 27.09
C THR A 47 -7.30 8.64 25.68
N LEU A 48 -8.20 7.68 25.43
N LEU A 48 -8.21 7.68 25.43
CA LEU A 48 -8.88 7.55 24.16
CA LEU A 48 -8.85 7.59 24.12
C LEU A 48 -9.59 8.87 23.78
C LEU A 48 -9.60 8.88 23.77
N GLU A 49 -10.32 9.48 24.74
CA GLU A 49 -11.06 10.76 24.55
C GLU A 49 -10.10 11.92 24.14
N GLU A 50 -8.95 12.01 24.79
CA GLU A 50 -7.92 13.01 24.46
C GLU A 50 -7.37 12.76 23.05
N ARG A 51 -7.03 11.49 22.70
CA ARG A 51 -6.50 11.14 21.37
C ARG A 51 -7.49 11.44 20.26
N VAL A 52 -8.78 11.15 20.50
CA VAL A 52 -9.84 11.44 19.54
C VAL A 52 -9.96 12.98 19.35
N ALA A 53 -10.02 13.76 20.47
CA ALA A 53 -10.12 15.22 20.41
C ALA A 53 -8.92 15.82 19.65
N LEU A 54 -7.69 15.36 19.93
CA LEU A 54 -6.48 15.85 19.24
C LEU A 54 -6.53 15.57 17.75
N ALA A 55 -6.89 14.33 17.37
CA ALA A 55 -6.94 13.95 15.96
C ALA A 55 -8.08 14.71 15.25
N GLN A 56 -9.21 14.93 15.92
CA GLN A 56 -10.31 15.72 15.35
C GLN A 56 -9.84 17.13 14.99
N GLN A 57 -9.20 17.82 15.95
N GLN A 57 -9.22 17.85 15.95
CA GLN A 57 -8.68 19.18 15.77
CA GLN A 57 -8.73 19.21 15.71
C GLN A 57 -7.62 19.24 14.67
C GLN A 57 -7.60 19.24 14.64
N ALA A 58 -6.69 18.26 14.65
CA ALA A 58 -5.59 18.18 13.69
C ALA A 58 -6.03 17.84 12.25
N THR A 59 -7.21 17.20 12.10
CA THR A 59 -7.69 16.82 10.77
C THR A 59 -8.92 17.63 10.34
N ALA A 60 -9.32 18.65 11.13
CA ALA A 60 -10.52 19.47 10.89
C ALA A 60 -10.53 20.15 9.51
N HIS A 61 -9.34 20.50 9.00
CA HIS A 61 -9.17 21.16 7.69
C HIS A 61 -9.43 20.19 6.50
N LEU A 62 -9.51 18.86 6.77
CA LEU A 62 -9.80 17.83 5.78
C LEU A 62 -11.28 17.47 5.92
N GLY A 63 -12.08 17.92 4.98
CA GLY A 63 -13.53 17.72 5.02
C GLY A 63 -14.06 16.30 4.94
N ASN A 64 -13.23 15.32 4.49
CA ASN A 64 -13.75 13.97 4.35
C ASN A 64 -13.14 12.96 5.33
N VAL A 65 -12.67 13.46 6.48
CA VAL A 65 -12.09 12.64 7.55
C VAL A 65 -13.08 12.61 8.72
N GLU A 66 -13.32 11.41 9.26
CA GLU A 66 -14.16 11.22 10.44
C GLU A 66 -13.27 10.51 11.47
N VAL A 67 -13.12 11.09 12.67
CA VAL A 67 -12.26 10.49 13.71
C VAL A 67 -13.15 9.73 14.70
N VAL A 68 -12.85 8.45 14.95
CA VAL A 68 -13.66 7.64 15.87
C VAL A 68 -12.72 6.79 16.76
N GLY A 69 -13.21 6.40 17.92
CA GLY A 69 -12.47 5.49 18.79
C GLY A 69 -13.03 4.09 18.68
N PHE A 70 -12.22 3.05 18.98
CA PHE A 70 -12.75 1.66 18.93
C PHE A 70 -12.03 0.76 19.93
N SER A 71 -12.74 -0.24 20.43
CA SER A 71 -12.15 -1.25 21.33
C SER A 71 -12.34 -2.65 20.68
N ASP A 72 -13.07 -2.69 19.57
CA ASP A 72 -13.40 -3.91 18.84
C ASP A 72 -12.23 -4.51 18.10
N LEU A 73 -12.43 -5.73 17.58
CA LEU A 73 -11.50 -6.37 16.67
C LEU A 73 -11.50 -5.43 15.45
N MET A 74 -10.29 -5.11 14.94
N MET A 74 -10.32 -5.03 14.98
CA MET A 74 -10.09 -4.23 13.79
CA MET A 74 -10.26 -4.06 13.89
C MET A 74 -11.02 -4.56 12.63
C MET A 74 -11.06 -4.52 12.62
N ALA A 75 -10.97 -5.80 12.18
CA ALA A 75 -11.75 -6.29 11.03
C ALA A 75 -13.26 -6.14 11.24
N ASN A 76 -13.76 -6.36 12.47
CA ASN A 76 -15.19 -6.19 12.79
C ASN A 76 -15.54 -4.71 12.72
N PHE A 77 -14.70 -3.85 13.29
CA PHE A 77 -14.92 -2.40 13.23
C PHE A 77 -14.98 -1.90 11.78
N ALA A 78 -14.07 -2.36 10.92
CA ALA A 78 -14.02 -1.98 9.49
C ALA A 78 -15.30 -2.39 8.77
N ARG A 79 -15.74 -3.65 8.98
CA ARG A 79 -16.99 -4.15 8.41
C ARG A 79 -18.17 -3.25 8.87
N ASN A 80 -18.21 -2.91 10.17
CA ASN A 80 -19.29 -2.11 10.76
C ASN A 80 -19.27 -0.64 10.32
N GLN A 81 -18.14 -0.20 9.76
CA GLN A 81 -17.98 1.15 9.19
C GLN A 81 -18.24 1.12 7.69
N HIS A 82 -18.59 -0.06 7.11
CA HIS A 82 -18.79 -0.27 5.66
C HIS A 82 -17.51 0.10 4.88
N ALA A 83 -16.33 -0.13 5.48
CA ALA A 83 -15.05 0.16 4.86
C ALA A 83 -14.56 -1.08 4.17
N THR A 84 -13.94 -0.90 3.00
CA THR A 84 -13.42 -2.02 2.20
C THR A 84 -11.95 -1.83 1.98
N VAL A 85 -11.39 -0.74 2.52
CA VAL A 85 -9.97 -0.41 2.41
C VAL A 85 -9.43 -0.07 3.79
N LEU A 86 -8.28 -0.64 4.10
CA LEU A 86 -7.56 -0.39 5.33
C LEU A 86 -6.23 0.27 4.97
N ILE A 87 -5.98 1.49 5.46
CA ILE A 87 -4.77 2.26 5.15
C ILE A 87 -3.78 2.06 6.29
N ARG A 88 -2.51 1.81 5.96
CA ARG A 88 -1.38 1.74 6.90
C ARG A 88 -0.18 2.42 6.24
N GLY A 89 0.62 3.13 7.01
CA GLY A 89 1.81 3.80 6.49
C GLY A 89 3.00 2.87 6.64
N LEU A 90 3.90 2.86 5.68
CA LEU A 90 5.07 2.00 5.81
C LEU A 90 6.26 2.79 6.29
N ARG A 91 7.02 2.20 7.17
CA ARG A 91 8.14 2.90 7.76
C ARG A 91 9.41 2.06 7.65
N ALA A 92 9.58 1.11 8.56
CA ALA A 92 10.74 0.25 8.66
C ALA A 92 10.37 -1.23 8.38
N VAL A 93 11.38 -2.10 8.28
CA VAL A 93 11.24 -3.55 8.04
C VAL A 93 10.38 -4.18 9.13
N ALA A 94 10.63 -3.83 10.43
CA ALA A 94 9.89 -4.39 11.58
C ALA A 94 8.40 -4.14 11.42
N ASP A 95 8.04 -2.92 11.01
CA ASP A 95 6.69 -2.47 10.77
C ASP A 95 6.10 -3.26 9.59
N PHE A 96 6.83 -3.30 8.45
CA PHE A 96 6.44 -4.01 7.24
C PHE A 96 6.14 -5.51 7.52
N GLU A 97 7.01 -6.17 8.31
CA GLU A 97 6.80 -7.57 8.64
C GLU A 97 5.58 -7.74 9.54
N TYR A 98 5.42 -6.83 10.52
CA TYR A 98 4.23 -6.83 11.38
C TYR A 98 2.96 -6.56 10.57
N GLU A 99 2.99 -5.59 9.63
CA GLU A 99 1.85 -5.25 8.75
C GLU A 99 1.45 -6.43 7.87
N MET A 100 2.42 -7.22 7.41
N MET A 100 2.44 -7.23 7.40
CA MET A 100 2.14 -8.40 6.60
CA MET A 100 2.23 -8.45 6.60
C MET A 100 1.40 -9.45 7.42
C MET A 100 1.40 -9.43 7.43
N GLN A 101 1.79 -9.63 8.71
CA GLN A 101 1.09 -10.54 9.64
C GLN A 101 -0.35 -10.10 9.85
N LEU A 102 -0.56 -8.79 10.16
CA LEU A 102 -1.91 -8.24 10.34
C LEU A 102 -2.73 -8.37 9.08
N ALA A 103 -2.13 -8.08 7.91
CA ALA A 103 -2.89 -8.17 6.66
C ALA A 103 -3.36 -9.58 6.34
N HIS A 104 -2.53 -10.59 6.56
CA HIS A 104 -2.93 -11.99 6.31
C HIS A 104 -3.97 -12.44 7.33
N MET A 105 -3.85 -11.99 8.57
CA MET A 105 -4.85 -12.27 9.60
C MET A 105 -6.18 -11.59 9.24
N ASN A 106 -6.14 -10.30 8.89
CA ASN A 106 -7.35 -9.56 8.50
C ASN A 106 -8.01 -10.13 7.26
N ARG A 107 -7.22 -10.70 6.34
CA ARG A 107 -7.76 -11.29 5.13
C ARG A 107 -8.53 -12.57 5.47
N HIS A 108 -8.08 -13.30 6.52
CA HIS A 108 -8.78 -14.49 7.00
C HIS A 108 -10.09 -14.08 7.73
N LEU A 109 -10.09 -12.95 8.45
CA LEU A 109 -11.26 -12.46 9.20
C LEU A 109 -12.28 -11.72 8.30
N MET A 110 -11.79 -11.00 7.29
CA MET A 110 -12.64 -10.20 6.38
C MET A 110 -11.95 -10.19 5.00
N PRO A 111 -12.20 -11.22 4.16
CA PRO A 111 -11.54 -11.27 2.83
C PRO A 111 -11.73 -10.07 1.92
N GLU A 112 -12.86 -9.37 1.98
CA GLU A 112 -13.11 -8.19 1.14
C GLU A 112 -12.46 -6.89 1.67
N LEU A 113 -11.79 -6.93 2.84
CA LEU A 113 -11.14 -5.74 3.37
C LEU A 113 -9.73 -5.70 2.79
N GLU A 114 -9.46 -4.76 1.90
CA GLU A 114 -8.17 -4.70 1.25
C GLU A 114 -7.20 -3.81 2.02
N SER A 115 -6.05 -4.36 2.43
CA SER A 115 -5.03 -3.60 3.13
C SER A 115 -4.19 -2.85 2.09
N VAL A 116 -4.07 -1.54 2.24
CA VAL A 116 -3.41 -0.64 1.31
C VAL A 116 -2.29 0.07 2.06
N PHE A 117 -1.10 0.08 1.50
CA PHE A 117 0.04 0.70 2.18
C PHE A 117 0.50 1.94 1.48
N LEU A 118 0.65 3.01 2.24
CA LEU A 118 1.12 4.29 1.74
C LEU A 118 2.48 4.59 2.31
N MET A 119 3.25 5.38 1.57
CA MET A 119 4.57 5.74 2.02
CA MET A 119 4.61 5.78 1.97
C MET A 119 4.57 7.22 2.43
N PRO A 120 4.97 7.54 3.69
CA PRO A 120 4.92 8.95 4.10
C PRO A 120 6.04 9.71 3.39
N SER A 121 5.95 11.03 3.43
CA SER A 121 6.98 11.95 2.93
C SER A 121 8.31 11.56 3.60
N LYS A 122 9.44 11.83 2.92
CA LYS A 122 10.78 11.58 3.48
C LYS A 122 10.89 12.33 4.82
N GLU A 123 10.18 13.47 4.92
CA GLU A 123 10.19 14.35 6.08
C GLU A 123 9.80 13.65 7.38
N TRP A 124 8.86 12.70 7.30
CA TRP A 124 8.29 11.99 8.45
C TRP A 124 8.61 10.50 8.46
N SER A 125 9.48 10.04 7.56
N SER A 125 9.41 10.02 7.50
CA SER A 125 9.80 8.61 7.46
CA SER A 125 9.77 8.60 7.32
C SER A 125 10.30 7.99 8.75
C SER A 125 10.62 8.00 8.44
N PHE A 126 11.25 8.64 9.43
N PHE A 126 11.05 8.83 9.40
CA PHE A 126 11.87 8.16 10.67
CA PHE A 126 11.87 8.37 10.53
C PHE A 126 11.08 8.40 11.96
C PHE A 126 11.28 8.75 11.88
N ILE A 127 9.99 9.14 11.90
CA ILE A 127 9.29 9.49 13.14
C ILE A 127 8.22 8.48 13.51
N SER A 128 7.94 8.41 14.81
CA SER A 128 6.86 7.61 15.38
C SER A 128 6.35 8.36 16.59
N SER A 129 5.16 8.01 17.06
CA SER A 129 4.62 8.62 18.28
C SER A 129 5.56 8.33 19.46
N SER A 130 6.10 7.09 19.56
N SER A 130 6.09 7.08 19.57
N SER A 130 6.10 7.08 19.57
CA SER A 130 7.04 6.68 20.63
CA SER A 130 7.01 6.70 20.64
CA SER A 130 7.03 6.70 20.64
C SER A 130 8.30 7.54 20.65
C SER A 130 8.28 7.56 20.65
C SER A 130 8.31 7.55 20.65
N LEU A 131 8.93 7.75 19.49
CA LEU A 131 10.16 8.56 19.35
C LEU A 131 9.92 10.02 19.77
N VAL A 132 8.82 10.61 19.32
CA VAL A 132 8.45 11.99 19.66
C VAL A 132 8.24 12.10 21.19
N LYS A 133 7.46 11.15 21.78
CA LYS A 133 7.27 11.14 23.24
C LYS A 133 8.59 11.01 24.02
N GLU A 134 9.52 10.14 23.55
N GLU A 134 9.51 10.13 23.52
CA GLU A 134 10.81 9.95 24.21
CA GLU A 134 10.83 9.85 24.10
C GLU A 134 11.67 11.22 24.17
C GLU A 134 11.71 11.12 24.11
N VAL A 135 11.70 11.89 23.00
CA VAL A 135 12.43 13.16 22.87
C VAL A 135 11.78 14.19 23.82
N ALA A 136 10.43 14.29 23.80
CA ALA A 136 9.70 15.25 24.63
C ALA A 136 9.88 15.01 26.12
N ARG A 137 9.97 13.73 26.55
CA ARG A 137 10.15 13.35 27.95
C ARG A 137 11.50 13.85 28.47
N HIS A 138 12.47 14.09 27.57
CA HIS A 138 13.79 14.60 27.91
C HIS A 138 13.97 16.04 27.45
N GLN A 139 12.84 16.74 27.24
CA GLN A 139 12.74 18.17 26.96
C GLN A 139 13.30 18.61 25.59
N GLY A 140 13.41 17.70 24.64
CA GLY A 140 13.85 18.02 23.29
C GLY A 140 12.72 18.66 22.51
N ASP A 141 13.05 19.57 21.58
CA ASP A 141 12.07 20.32 20.78
C ASP A 141 11.42 19.40 19.72
N VAL A 142 10.11 19.14 19.86
CA VAL A 142 9.38 18.31 18.91
C VAL A 142 8.30 19.09 18.14
N THR A 143 8.38 20.44 18.13
CA THR A 143 7.40 21.31 17.46
C THR A 143 7.27 20.97 15.97
N HIS A 144 8.39 20.61 15.32
CA HIS A 144 8.39 20.29 13.89
C HIS A 144 7.56 19.03 13.53
N PHE A 145 7.44 18.10 14.47
CA PHE A 145 6.84 16.79 14.24
C PHE A 145 5.39 16.65 14.58
N LEU A 146 4.78 17.66 15.17
CA LEU A 146 3.39 17.51 15.58
C LEU A 146 2.51 18.66 15.18
N PRO A 147 1.19 18.41 14.96
CA PRO A 147 0.27 19.54 14.77
C PRO A 147 0.34 20.43 16.02
N GLU A 148 0.03 21.72 15.88
CA GLU A 148 0.13 22.70 16.98
C GLU A 148 -0.64 22.27 18.24
N ASN A 149 -1.91 21.89 18.09
CA ASN A 149 -2.74 21.47 19.22
C ASN A 149 -2.15 20.26 19.98
N VAL A 150 -1.53 19.32 19.25
CA VAL A 150 -0.92 18.08 19.78
C VAL A 150 0.35 18.43 20.55
N HIS A 151 1.19 19.30 19.98
CA HIS A 151 2.42 19.77 20.63
C HIS A 151 2.08 20.43 21.95
N GLN A 152 1.05 21.33 21.99
CA GLN A 152 0.61 21.96 23.25
C GLN A 152 0.12 20.92 24.25
N ALA A 153 -0.69 19.94 23.80
CA ALA A 153 -1.24 18.90 24.70
C ALA A 153 -0.11 18.03 25.25
N LEU A 154 0.89 17.70 24.43
CA LEU A 154 2.03 16.89 24.86
C LEU A 154 2.89 17.62 25.91
N MET A 155 3.18 18.93 25.69
N MET A 155 3.16 18.90 25.69
CA MET A 155 3.95 19.77 26.63
CA MET A 155 3.95 19.72 26.63
C MET A 155 3.21 19.81 27.98
C MET A 155 3.21 19.85 27.97
N ALA A 156 1.88 20.07 27.91
CA ALA A 156 0.98 20.18 29.09
C ALA A 156 0.97 18.87 29.87
N LYS A 157 0.89 17.71 29.16
CA LYS A 157 0.87 16.39 29.78
C LYS A 157 2.17 16.09 30.55
N LEU A 158 3.31 16.50 29.98
CA LEU A 158 4.61 16.28 30.59
C LEU A 158 5.01 17.31 31.64
N ALA A 159 4.31 18.45 31.70
CA ALA A 159 4.65 19.55 32.62
C ALA A 159 4.33 19.23 34.06
N MET B 1 -15.54 10.05 -6.67
CA MET B 1 -14.19 9.92 -7.26
C MET B 1 -14.09 8.79 -8.28
N GLN B 2 -13.69 9.13 -9.52
CA GLN B 2 -13.48 8.19 -10.64
C GLN B 2 -11.96 8.00 -10.82
N LYS B 3 -11.36 7.15 -9.98
CA LYS B 3 -9.92 6.96 -9.99
C LYS B 3 -9.38 6.07 -11.12
N ARG B 4 -8.27 6.48 -11.70
CA ARG B 4 -7.53 5.74 -12.72
C ARG B 4 -6.21 5.32 -12.05
N ALA B 5 -5.96 4.01 -12.05
CA ALA B 5 -4.78 3.43 -11.43
C ALA B 5 -3.92 2.75 -12.48
N ILE B 6 -2.61 2.75 -12.29
CA ILE B 6 -1.67 2.10 -13.19
C ILE B 6 -0.95 1.02 -12.41
N TYR B 7 -0.79 -0.15 -13.02
CA TYR B 7 -0.08 -1.28 -12.42
C TYR B 7 1.03 -1.67 -13.44
N PRO B 8 2.22 -1.05 -13.30
CA PRO B 8 3.28 -1.25 -14.30
C PRO B 8 4.25 -2.36 -13.95
N GLY B 9 4.90 -2.87 -14.96
CA GLY B 9 5.89 -3.91 -14.79
C GLY B 9 6.32 -4.46 -16.13
N THR B 10 7.17 -5.49 -16.10
N THR B 10 7.15 -5.48 -16.07
CA THR B 10 7.66 -6.16 -17.30
CA THR B 10 7.68 -6.17 -17.24
C THR B 10 6.74 -7.32 -17.66
C THR B 10 6.73 -7.29 -17.64
N PHE B 11 6.10 -7.96 -16.65
CA PHE B 11 5.15 -9.10 -16.83
C PHE B 11 5.69 -10.10 -17.85
N ASP B 12 6.85 -10.67 -17.53
CA ASP B 12 7.57 -11.56 -18.43
C ASP B 12 7.77 -12.96 -17.91
N PRO B 13 6.74 -13.83 -17.91
CA PRO B 13 5.36 -13.58 -18.31
C PRO B 13 4.50 -13.17 -17.10
N ILE B 14 3.24 -12.80 -17.34
CA ILE B 14 2.30 -12.48 -16.25
C ILE B 14 2.05 -13.80 -15.44
N THR B 15 2.06 -13.71 -14.13
CA THR B 15 1.87 -14.89 -13.29
C THR B 15 0.57 -14.76 -12.52
N ASN B 16 0.19 -15.78 -11.72
CA ASN B 16 -0.96 -15.72 -10.83
C ASN B 16 -0.77 -14.68 -9.74
N GLY B 17 0.49 -14.34 -9.43
CA GLY B 17 0.83 -13.28 -8.47
C GLY B 17 0.37 -11.93 -9.01
N HIS B 18 0.65 -11.66 -10.29
CA HIS B 18 0.19 -10.44 -10.99
C HIS B 18 -1.34 -10.40 -11.14
N ILE B 19 -1.96 -11.55 -11.46
N ILE B 19 -1.99 -11.53 -11.46
CA ILE B 19 -3.42 -11.69 -11.56
CA ILE B 19 -3.46 -11.55 -11.57
C ILE B 19 -4.08 -11.32 -10.23
C ILE B 19 -4.09 -11.26 -10.21
N ASP B 20 -3.52 -11.83 -9.12
CA ASP B 20 -3.99 -11.58 -7.76
C ASP B 20 -3.98 -10.04 -7.50
N ILE B 21 -2.84 -9.37 -7.76
CA ILE B 21 -2.68 -7.92 -7.52
C ILE B 21 -3.64 -7.08 -8.37
N VAL B 22 -3.68 -7.35 -9.70
CA VAL B 22 -4.55 -6.60 -10.60
C VAL B 22 -6.03 -6.81 -10.22
N THR B 23 -6.40 -8.04 -9.75
CA THR B 23 -7.79 -8.31 -9.35
C THR B 23 -8.16 -7.47 -8.12
N ARG B 24 -7.26 -7.40 -7.14
CA ARG B 24 -7.47 -6.57 -5.94
C ARG B 24 -7.59 -5.09 -6.32
N ALA B 25 -6.73 -4.63 -7.27
CA ALA B 25 -6.77 -3.25 -7.73
C ALA B 25 -8.12 -2.90 -8.38
N THR B 26 -8.69 -3.83 -9.19
CA THR B 26 -10.01 -3.62 -9.86
C THR B 26 -11.16 -3.52 -8.88
N GLN B 27 -10.99 -4.11 -7.69
CA GLN B 27 -11.99 -4.08 -6.64
C GLN B 27 -11.99 -2.74 -5.90
N MET B 28 -10.90 -1.93 -6.06
CA MET B 28 -10.93 -0.67 -5.34
C MET B 28 -10.90 0.57 -6.22
N PHE B 29 -10.49 0.44 -7.48
CA PHE B 29 -10.42 1.58 -8.40
C PHE B 29 -11.30 1.35 -9.62
N ASP B 30 -11.87 2.43 -10.18
CA ASP B 30 -12.78 2.35 -11.32
C ASP B 30 -12.15 1.80 -12.59
N HIS B 31 -10.89 2.17 -12.88
CA HIS B 31 -10.18 1.73 -14.08
C HIS B 31 -8.72 1.44 -13.74
N VAL B 32 -8.21 0.29 -14.18
CA VAL B 32 -6.81 -0.12 -13.91
C VAL B 32 -6.10 -0.33 -15.24
N ILE B 33 -4.95 0.30 -15.42
CA ILE B 33 -4.12 0.11 -16.60
C ILE B 33 -3.04 -0.88 -16.21
N LEU B 34 -3.03 -2.06 -16.83
CA LEU B 34 -1.94 -3.00 -16.56
C LEU B 34 -0.91 -2.60 -17.65
N ALA B 35 0.17 -1.95 -17.24
CA ALA B 35 1.13 -1.34 -18.15
C ALA B 35 2.36 -2.17 -18.30
N ILE B 36 2.66 -2.60 -19.55
CA ILE B 36 3.78 -3.49 -19.84
C ILE B 36 4.94 -2.75 -20.43
N ALA B 37 6.11 -2.86 -19.78
CA ALA B 37 7.33 -2.21 -20.27
C ALA B 37 7.81 -2.85 -21.58
N ALA B 38 7.95 -2.01 -22.61
CA ALA B 38 8.36 -2.46 -23.95
C ALA B 38 9.76 -3.04 -24.00
N SER B 39 10.72 -2.31 -23.45
CA SER B 39 12.12 -2.65 -23.57
C SER B 39 12.83 -2.72 -22.23
N PRO B 40 12.72 -3.87 -21.54
CA PRO B 40 13.46 -4.04 -20.28
C PRO B 40 14.99 -4.09 -20.48
N SER B 41 15.75 -3.94 -19.37
CA SER B 41 17.23 -3.92 -19.35
C SER B 41 17.82 -5.20 -19.95
N LYS B 42 17.33 -6.37 -19.51
CA LYS B 42 17.74 -7.66 -20.06
C LYS B 42 16.67 -8.06 -21.07
N LYS B 43 17.06 -8.71 -22.17
CA LYS B 43 16.13 -9.17 -23.22
C LYS B 43 15.06 -10.06 -22.55
N PRO B 44 13.77 -9.77 -22.73
CA PRO B 44 12.76 -10.60 -22.06
C PRO B 44 12.60 -11.96 -22.73
N MET B 45 12.09 -12.96 -22.00
CA MET B 45 11.86 -14.28 -22.59
C MET B 45 10.75 -14.16 -23.66
N PHE B 46 9.73 -13.35 -23.37
CA PHE B 46 8.59 -13.13 -24.24
C PHE B 46 8.67 -11.74 -24.81
N THR B 47 8.38 -11.60 -26.13
CA THR B 47 8.41 -10.30 -26.79
C THR B 47 7.26 -9.47 -26.20
N LEU B 48 7.30 -8.14 -26.41
CA LEU B 48 6.23 -7.26 -25.92
C LEU B 48 4.87 -7.75 -26.44
N GLU B 49 4.78 -8.08 -27.75
CA GLU B 49 3.52 -8.54 -28.34
C GLU B 49 2.98 -9.79 -27.65
N GLU B 50 3.86 -10.75 -27.30
CA GLU B 50 3.47 -11.96 -26.57
C GLU B 50 3.04 -11.59 -25.15
N ARG B 51 3.80 -10.73 -24.44
CA ARG B 51 3.47 -10.30 -23.06
C ARG B 51 2.13 -9.61 -22.98
N VAL B 52 1.86 -8.68 -23.91
CA VAL B 52 0.58 -7.96 -24.02
C VAL B 52 -0.55 -8.96 -24.33
N ALA B 53 -0.39 -9.85 -25.32
CA ALA B 53 -1.44 -10.83 -25.67
C ALA B 53 -1.74 -11.79 -24.51
N LEU B 54 -0.70 -12.25 -23.81
CA LEU B 54 -0.88 -13.15 -22.66
C LEU B 54 -1.63 -12.44 -21.53
N ALA B 55 -1.21 -11.21 -21.20
CA ALA B 55 -1.83 -10.41 -20.14
C ALA B 55 -3.29 -10.06 -20.46
N GLN B 56 -3.60 -9.77 -21.73
CA GLN B 56 -4.99 -9.46 -22.16
C GLN B 56 -5.90 -10.65 -21.99
N GLN B 57 -5.46 -11.83 -22.44
CA GLN B 57 -6.25 -13.05 -22.32
C GLN B 57 -6.43 -13.44 -20.84
N ALA B 58 -5.38 -13.27 -20.04
CA ALA B 58 -5.42 -13.63 -18.61
C ALA B 58 -6.26 -12.65 -17.76
N THR B 59 -6.54 -11.43 -18.26
CA THR B 59 -7.33 -10.45 -17.48
C THR B 59 -8.67 -10.11 -18.17
N ALA B 60 -8.99 -10.79 -19.29
CA ALA B 60 -10.21 -10.56 -20.09
C ALA B 60 -11.51 -10.62 -19.27
N HIS B 61 -11.52 -11.41 -18.17
CA HIS B 61 -12.68 -11.56 -17.26
C HIS B 61 -12.84 -10.33 -16.33
N LEU B 62 -11.83 -9.43 -16.28
CA LEU B 62 -11.90 -8.20 -15.48
C LEU B 62 -12.27 -7.05 -16.41
N GLY B 63 -13.51 -6.59 -16.29
CA GLY B 63 -14.09 -5.55 -17.15
C GLY B 63 -13.43 -4.19 -17.11
N ASN B 64 -12.76 -3.85 -16.01
CA ASN B 64 -12.16 -2.52 -15.85
C ASN B 64 -10.64 -2.52 -15.91
N VAL B 65 -10.06 -3.52 -16.62
CA VAL B 65 -8.62 -3.62 -16.85
C VAL B 65 -8.36 -3.29 -18.32
N GLU B 66 -7.33 -2.50 -18.57
CA GLU B 66 -6.87 -2.17 -19.92
C GLU B 66 -5.38 -2.57 -19.95
N VAL B 67 -4.97 -3.48 -20.85
CA VAL B 67 -3.55 -3.87 -20.96
C VAL B 67 -2.91 -3.00 -22.06
N VAL B 68 -1.80 -2.30 -21.73
CA VAL B 68 -1.16 -1.37 -22.69
C VAL B 68 0.34 -1.48 -22.55
N GLY B 69 1.06 -1.40 -23.67
CA GLY B 69 2.52 -1.37 -23.67
C GLY B 69 3.01 0.05 -23.48
N PHE B 70 4.18 0.25 -22.85
CA PHE B 70 4.73 1.61 -22.71
C PHE B 70 6.23 1.56 -22.79
N SER B 71 6.85 2.60 -23.37
CA SER B 71 8.30 2.68 -23.50
C SER B 71 8.84 3.91 -22.81
N ASP B 72 7.95 4.81 -22.32
CA ASP B 72 8.42 6.03 -21.67
C ASP B 72 8.79 5.75 -20.24
N LEU B 73 9.30 6.76 -19.55
CA LEU B 73 9.46 6.73 -18.11
C LEU B 73 8.04 6.40 -17.58
N MET B 74 7.94 5.46 -16.64
CA MET B 74 6.66 5.01 -16.11
C MET B 74 5.82 6.20 -15.64
N ALA B 75 6.41 7.14 -14.87
CA ALA B 75 5.69 8.33 -14.39
C ALA B 75 5.21 9.22 -15.54
N ASN B 76 5.98 9.32 -16.65
CA ASN B 76 5.57 10.12 -17.81
C ASN B 76 4.33 9.47 -18.44
N PHE B 77 4.34 8.13 -18.56
CA PHE B 77 3.20 7.40 -19.11
C PHE B 77 1.97 7.52 -18.19
N ALA B 78 2.16 7.40 -16.87
CA ALA B 78 1.07 7.52 -15.90
C ALA B 78 0.40 8.90 -16.00
N ARG B 79 1.22 9.99 -16.10
CA ARG B 79 0.74 11.36 -16.23
C ARG B 79 -0.10 11.47 -17.50
N ASN B 80 0.43 10.95 -18.63
CA ASN B 80 -0.28 11.01 -19.91
C ASN B 80 -1.61 10.23 -19.91
N GLN B 81 -1.68 9.17 -19.12
CA GLN B 81 -2.86 8.31 -18.97
C GLN B 81 -3.86 8.85 -17.93
N HIS B 82 -3.52 9.97 -17.26
CA HIS B 82 -4.35 10.58 -16.22
C HIS B 82 -4.50 9.62 -15.04
N ALA B 83 -3.47 8.80 -14.77
CA ALA B 83 -3.55 7.89 -13.63
C ALA B 83 -3.06 8.65 -12.41
N THR B 84 -3.75 8.52 -11.29
CA THR B 84 -3.34 9.23 -10.08
C THR B 84 -2.94 8.25 -8.99
N VAL B 85 -3.07 6.95 -9.28
CA VAL B 85 -2.73 5.87 -8.36
C VAL B 85 -1.78 4.91 -9.09
N LEU B 86 -0.65 4.59 -8.47
CA LEU B 86 0.33 3.65 -8.96
C LEU B 86 0.26 2.43 -8.03
N ILE B 87 -0.05 1.27 -8.59
N ILE B 87 -0.04 1.26 -8.59
CA ILE B 87 -0.18 -0.01 -7.86
CA ILE B 87 -0.17 0.01 -7.84
C ILE B 87 1.10 -0.82 -7.96
C ILE B 87 1.09 -0.83 -7.96
N ARG B 88 1.59 -1.32 -6.82
CA ARG B 88 2.75 -2.23 -6.79
C ARG B 88 2.43 -3.28 -5.74
N GLY B 89 2.90 -4.51 -5.95
CA GLY B 89 2.71 -5.58 -4.99
C GLY B 89 3.92 -5.64 -4.09
N LEU B 90 3.75 -6.04 -2.83
CA LEU B 90 4.88 -6.21 -1.90
C LEU B 90 4.84 -7.62 -1.39
N ARG B 91 5.85 -8.42 -1.74
CA ARG B 91 5.94 -9.83 -1.36
C ARG B 91 6.77 -10.04 -0.11
N ALA B 92 7.96 -9.41 -0.04
CA ALA B 92 8.92 -9.56 1.05
C ALA B 92 9.80 -8.32 1.21
N VAL B 93 10.79 -8.38 2.14
CA VAL B 93 11.69 -7.29 2.51
C VAL B 93 12.44 -6.71 1.30
N ALA B 94 12.96 -7.57 0.42
CA ALA B 94 13.68 -7.14 -0.80
C ALA B 94 12.81 -6.16 -1.63
N ASP B 95 11.50 -6.49 -1.78
CA ASP B 95 10.52 -5.68 -2.49
C ASP B 95 10.32 -4.39 -1.78
N PHE B 96 10.10 -4.46 -0.46
CA PHE B 96 9.85 -3.31 0.37
C PHE B 96 10.95 -2.26 0.19
N GLU B 97 12.22 -2.67 0.26
CA GLU B 97 13.36 -1.76 0.12
C GLU B 97 13.41 -1.06 -1.23
N TYR B 98 13.35 -1.86 -2.31
CA TYR B 98 13.38 -1.36 -3.68
C TYR B 98 12.18 -0.50 -4.03
N GLU B 99 10.97 -0.94 -3.62
CA GLU B 99 9.74 -0.20 -3.89
C GLU B 99 9.72 1.15 -3.17
N MET B 100 10.30 1.22 -1.95
CA MET B 100 10.34 2.49 -1.24
CA MET B 100 10.43 2.46 -1.16
C MET B 100 11.25 3.48 -1.96
N GLN B 101 12.40 2.99 -2.47
CA GLN B 101 13.37 3.80 -3.21
C GLN B 101 12.67 4.31 -4.49
N LEU B 102 11.94 3.43 -5.23
CA LEU B 102 11.20 3.83 -6.42
C LEU B 102 10.08 4.79 -6.11
N ALA B 103 9.39 4.60 -4.98
CA ALA B 103 8.27 5.47 -4.64
C ALA B 103 8.70 6.91 -4.37
N HIS B 104 9.84 7.10 -3.70
CA HIS B 104 10.37 8.45 -3.44
C HIS B 104 10.78 9.13 -4.74
N MET B 105 11.37 8.36 -5.66
CA MET B 105 11.78 8.84 -6.98
C MET B 105 10.53 9.25 -7.78
N ASN B 106 9.52 8.36 -7.83
CA ASN B 106 8.28 8.68 -8.55
C ASN B 106 7.53 9.89 -7.98
N ARG B 107 7.58 10.09 -6.64
CA ARG B 107 6.92 11.24 -6.00
C ARG B 107 7.63 12.53 -6.43
N HIS B 108 8.95 12.47 -6.62
CA HIS B 108 9.73 13.61 -7.09
C HIS B 108 9.34 13.89 -8.56
N LEU B 109 9.22 12.82 -9.36
CA LEU B 109 8.92 12.94 -10.79
C LEU B 109 7.47 13.40 -11.06
N MET B 110 6.52 12.82 -10.33
CA MET B 110 5.08 13.07 -10.49
C MET B 110 4.45 13.11 -9.09
N PRO B 111 4.49 14.27 -8.39
CA PRO B 111 3.93 14.34 -7.04
C PRO B 111 2.45 13.97 -6.90
N GLU B 112 1.69 14.16 -7.97
CA GLU B 112 0.25 13.88 -7.99
C GLU B 112 -0.06 12.38 -8.23
N LEU B 113 0.98 11.54 -8.43
CA LEU B 113 0.80 10.10 -8.60
C LEU B 113 1.03 9.48 -7.22
N GLU B 114 -0.01 8.87 -6.65
CA GLU B 114 0.15 8.25 -5.33
C GLU B 114 0.52 6.77 -5.44
N SER B 115 1.62 6.35 -4.78
CA SER B 115 2.02 4.95 -4.77
C SER B 115 1.24 4.18 -3.71
N VAL B 116 0.57 3.09 -4.13
N VAL B 116 0.56 3.12 -4.14
CA VAL B 116 -0.29 2.23 -3.28
CA VAL B 116 -0.22 2.25 -3.28
C VAL B 116 0.25 0.80 -3.34
C VAL B 116 0.36 0.85 -3.35
N PHE B 117 0.60 0.24 -2.20
CA PHE B 117 1.16 -1.10 -2.14
C PHE B 117 0.13 -2.08 -1.65
N LEU B 118 -0.03 -3.16 -2.39
CA LEU B 118 -0.95 -4.23 -2.05
C LEU B 118 -0.14 -5.47 -1.74
N MET B 119 -0.76 -6.39 -1.03
N MET B 119 -0.72 -6.38 -0.97
CA MET B 119 -0.13 -7.63 -0.66
CA MET B 119 -0.03 -7.61 -0.61
C MET B 119 -0.78 -8.78 -1.36
C MET B 119 -0.73 -8.80 -1.26
N PRO B 120 0.00 -9.66 -2.02
CA PRO B 120 -0.65 -10.78 -2.69
C PRO B 120 -0.99 -11.86 -1.68
N SER B 121 -1.82 -12.79 -2.10
CA SER B 121 -2.17 -14.00 -1.37
C SER B 121 -0.85 -14.69 -0.95
N LYS B 122 -0.88 -15.42 0.17
CA LYS B 122 0.24 -16.23 0.67
C LYS B 122 0.67 -17.23 -0.43
N GLU B 123 -0.29 -17.63 -1.26
CA GLU B 123 -0.12 -18.59 -2.35
C GLU B 123 0.95 -18.11 -3.35
N TRP B 124 1.07 -16.79 -3.56
CA TRP B 124 2.01 -16.21 -4.54
C TRP B 124 3.10 -15.32 -3.96
N SER B 125 3.23 -15.31 -2.61
N SER B 125 3.19 -15.19 -2.63
CA SER B 125 4.16 -14.48 -1.84
CA SER B 125 4.18 -14.27 -2.07
C SER B 125 5.64 -14.81 -2.00
C SER B 125 5.64 -14.65 -2.36
N PHE B 126 5.98 -15.90 -2.70
N PHE B 126 5.90 -15.94 -2.61
CA PHE B 126 7.37 -16.33 -2.91
CA PHE B 126 7.25 -16.43 -2.85
C PHE B 126 7.71 -16.44 -4.41
C PHE B 126 7.55 -16.70 -4.34
N ILE B 127 6.77 -16.08 -5.26
CA ILE B 127 7.00 -16.23 -6.71
C ILE B 127 7.32 -14.90 -7.39
N SER B 128 8.02 -15.00 -8.51
CA SER B 128 8.33 -13.90 -9.40
C SER B 128 8.35 -14.53 -10.78
N SER B 129 8.22 -13.71 -11.83
CA SER B 129 8.35 -14.22 -13.20
C SER B 129 9.74 -14.90 -13.40
N SER B 130 10.82 -14.29 -12.86
N SER B 130 10.82 -14.29 -12.86
N SER B 130 10.82 -14.28 -12.87
CA SER B 130 12.19 -14.80 -12.95
CA SER B 130 12.20 -14.79 -12.96
CA SER B 130 12.19 -14.80 -12.97
C SER B 130 12.33 -16.20 -12.35
C SER B 130 12.35 -16.19 -12.33
C SER B 130 12.33 -16.20 -12.35
N LEU B 131 11.77 -16.41 -11.13
CA LEU B 131 11.84 -17.72 -10.45
C LEU B 131 11.04 -18.78 -11.22
N VAL B 132 9.87 -18.41 -11.71
CA VAL B 132 9.02 -19.33 -12.49
C VAL B 132 9.78 -19.75 -13.76
N LYS B 133 10.41 -18.78 -14.45
CA LYS B 133 11.14 -19.05 -15.70
C LYS B 133 12.33 -19.96 -15.42
N GLU B 134 13.08 -19.69 -14.33
CA GLU B 134 14.23 -20.51 -13.95
C GLU B 134 13.84 -21.94 -13.61
N VAL B 135 12.76 -22.14 -12.84
CA VAL B 135 12.25 -23.48 -12.50
C VAL B 135 11.83 -24.23 -13.78
N ALA B 136 11.00 -23.58 -14.63
CA ALA B 136 10.51 -24.17 -15.89
C ALA B 136 11.66 -24.50 -16.86
N ARG B 137 12.66 -23.60 -17.00
CA ARG B 137 13.85 -23.82 -17.86
C ARG B 137 14.62 -25.06 -17.39
N HIS B 138 14.65 -25.29 -16.07
CA HIS B 138 15.40 -26.40 -15.49
C HIS B 138 14.54 -27.65 -15.27
N GLN B 139 13.34 -27.71 -15.90
CA GLN B 139 12.42 -28.85 -15.96
C GLN B 139 11.61 -29.10 -14.69
N GLY B 140 11.17 -28.01 -14.07
CA GLY B 140 10.30 -28.05 -12.90
C GLY B 140 8.89 -27.65 -13.25
N ASP B 141 7.93 -28.18 -12.52
CA ASP B 141 6.52 -27.92 -12.71
C ASP B 141 6.09 -26.55 -12.15
N VAL B 142 5.63 -25.64 -13.03
CA VAL B 142 5.18 -24.31 -12.60
C VAL B 142 3.72 -24.06 -12.95
N THR B 143 2.97 -25.09 -13.35
CA THR B 143 1.57 -24.94 -13.79
C THR B 143 0.70 -24.19 -12.77
N HIS B 144 0.88 -24.51 -11.49
CA HIS B 144 0.08 -23.88 -10.44
C HIS B 144 0.23 -22.33 -10.35
N PHE B 145 1.37 -21.80 -10.79
CA PHE B 145 1.70 -20.38 -10.64
C PHE B 145 1.31 -19.52 -11.83
N LEU B 146 0.74 -20.12 -12.88
CA LEU B 146 0.45 -19.39 -14.11
C LEU B 146 -0.97 -19.53 -14.59
N PRO B 147 -1.49 -18.51 -15.30
CA PRO B 147 -2.79 -18.70 -15.98
C PRO B 147 -2.56 -19.75 -17.06
N GLU B 148 -3.60 -20.47 -17.45
CA GLU B 148 -3.50 -21.55 -18.44
C GLU B 148 -2.81 -21.12 -19.76
N ASN B 149 -3.19 -19.95 -20.32
CA ASN B 149 -2.61 -19.48 -21.58
C ASN B 149 -1.10 -19.25 -21.46
N VAL B 150 -0.65 -18.76 -20.29
CA VAL B 150 0.76 -18.52 -20.04
C VAL B 150 1.51 -19.85 -19.92
N HIS B 151 0.93 -20.83 -19.21
CA HIS B 151 1.46 -22.19 -19.07
C HIS B 151 1.66 -22.78 -20.49
N GLN B 152 0.66 -22.63 -21.37
CA GLN B 152 0.77 -23.09 -22.77
C GLN B 152 1.89 -22.38 -23.54
N ALA B 153 1.98 -21.04 -23.44
CA ALA B 153 3.00 -20.26 -24.16
C ALA B 153 4.41 -20.57 -23.65
N LEU B 154 4.56 -20.73 -22.33
CA LEU B 154 5.87 -21.02 -21.73
C LEU B 154 6.37 -22.40 -22.16
N MET B 155 5.48 -23.40 -22.19
CA MET B 155 5.84 -24.76 -22.64
C MET B 155 6.28 -24.68 -24.10
N ALA B 156 5.57 -23.91 -24.92
CA ALA B 156 5.91 -23.80 -26.36
C ALA B 156 7.26 -23.11 -26.53
N LYS B 157 7.52 -22.07 -25.73
CA LYS B 157 8.77 -21.31 -25.78
C LYS B 157 9.98 -22.22 -25.38
N LEU B 158 9.82 -22.99 -24.32
CA LEU B 158 10.89 -23.85 -23.84
C LEU B 158 11.13 -25.07 -24.71
N ALA B 159 10.11 -25.50 -25.46
CA ALA B 159 10.23 -26.65 -26.32
C ALA B 159 11.19 -26.39 -27.50
N VAL B 160 11.34 -25.12 -27.92
CA VAL B 160 12.21 -24.75 -29.06
C VAL B 160 13.56 -24.14 -28.63
C1 F1D C . -4.60 -3.66 12.01
C2 F1D C . -5.01 -3.73 14.46
C3 F1D C . -3.88 -3.62 15.50
O1 F1D C . -4.89 -4.82 11.83
O2 F1D C . -4.58 -1.44 16.40
O3 F1D C . -3.78 -7.04 17.62
C11 F1D C . -6.49 -2.85 19.16
C12 F1D C . -6.12 -2.39 17.90
C13 F1D C . -7.83 -3.55 19.38
C14 F1D C . -8.93 -2.53 19.75
C15 F1D C . -8.62 -1.87 21.02
C16 F1D C . -7.47 -5.33 17.58
C17 F1D C . -4.66 -7.17 16.78
C18 F1D C . -4.56 -7.93 15.57
C19 F1D C . -5.58 -8.01 14.67
C20 F1D C . -5.46 -8.71 13.35
C21 F1D C . -6.91 -6.61 16.03
N5 F1D C . -6.77 -7.36 14.91
N4 F1D C . -5.90 -6.53 16.93
N3 F1D C . -6.26 -5.70 17.95
N6 F1D C . -7.93 -5.86 16.41
N2 F1D C . -8.27 -4.36 18.24
N1 F1D C . -8.35 -1.39 22.00
C10 F1D C . -5.59 -2.69 20.21
C9 F1D C . -4.37 -2.06 20.02
C8 F1D C . -4.02 -1.59 18.76
C7 F1D C . -4.89 -1.78 17.70
C4 F1D C . -3.49 -2.16 15.72
C5 F1D C . -3.17 -1.46 14.41
C6 F1D C . -4.32 -1.62 13.42
N F1D C . -4.64 -3.04 13.21
O F1D C . -4.20 -2.82 11.05
C F1D C . -3.90 -3.42 9.77
S SO4 D . -6.24 -4.15 24.54
O1 SO4 D . -5.76 -4.98 23.45
O2 SO4 D . -6.25 -4.88 25.81
O3 SO4 D . -5.34 -2.99 24.63
O4 SO4 D . -7.60 -3.67 24.29
S SO4 E . 3.16 5.25 15.21
O1 SO4 E . 4.07 4.13 15.12
O2 SO4 E . 2.58 5.29 16.52
O3 SO4 E . 3.85 6.49 14.89
O4 SO4 E . 2.08 5.05 14.25
C1 PEG F . -13.83 -16.21 6.34
O1 PEG F . -14.35 -14.87 6.34
C2 PEG F . -12.77 -16.38 5.30
O2 PEG F . -12.18 -17.67 5.41
C3 PEG F . -11.02 -17.81 4.60
C4 PEG F . -10.63 -19.25 4.48
O4 PEG F . -11.31 -19.90 3.43
O1 PG4 G . -0.38 15.22 0.25
C1 PG4 G . 0.71 15.54 1.10
C2 PG4 G . 0.34 15.39 2.54
O2 PG4 G . 0.28 16.66 3.19
C3 PG4 G . 0.07 16.57 4.58
C4 PG4 G . 1.06 17.41 5.33
O3 PG4 G . 1.16 16.98 6.69
C5 PG4 G . 2.27 17.56 7.38
C6 PG4 G . 1.84 18.71 8.24
O4 PG4 G . 2.93 19.61 8.41
S SO4 H . 8.62 13.42 -0.33
O1 SO4 H . 8.68 11.96 -0.26
O2 SO4 H . 9.69 13.99 0.50
O3 SO4 H . 7.37 13.97 0.16
O4 SO4 H . 8.78 13.85 -1.73
C1 F1D I . 8.22 1.73 -11.24
C2 F1D I . 9.30 1.56 -13.45
C3 F1D I . 10.37 0.48 -13.58
O1 F1D I . 8.89 2.67 -10.91
O2 F1D I . 9.16 -0.85 -15.23
O3 F1D I . 14.21 2.46 -14.41
C11 F1D I . 10.88 0.60 -18.09
C12 F1D I . 10.01 0.39 -17.02
C13 F1D I . 10.85 1.90 -18.87
C14 F1D I . 9.91 1.84 -20.10
C15 F1D I . 10.32 0.81 -21.05
C16 F1D I . 11.07 3.37 -16.82
C17 F1D I . 13.24 3.16 -14.14
C18 F1D I . 12.99 3.85 -12.91
C19 F1D I . 11.92 4.67 -12.71
C20 F1D I . 11.62 5.36 -11.42
C21 F1D I . 11.19 4.22 -14.93
N5 F1D I . 11.03 4.87 -13.74
N4 F1D I . 12.25 3.41 -15.11
N3 F1D I . 12.19 2.86 -16.36
N6 F1D I . 10.41 4.22 -15.99
N2 F1D I . 10.52 3.07 -18.07
N1 F1D I . 10.63 -0.02 -21.74
C10 F1D I . 11.78 -0.41 -18.41
C9 F1D I . 11.81 -1.60 -17.71
C8 F1D I . 10.93 -1.81 -16.64
C7 F1D I . 10.04 -0.79 -16.30
C4 F1D I . 9.75 -0.88 -13.88
C5 F1D I . 8.68 -1.24 -12.87
C6 F1D I . 7.64 -0.13 -12.78
N F1D I . 8.27 1.16 -12.47
O F1D I . 7.24 1.18 -10.50
C F1D I . 7.04 1.78 -9.19
S SO4 J . 7.80 -9.97 -11.02
O1 SO4 J . 7.06 -11.19 -10.71
O2 SO4 J . 8.65 -9.65 -9.91
O3 SO4 J . 8.60 -10.19 -12.20
O4 SO4 J . 6.90 -8.86 -11.31
S SO4 K . -4.27 -14.94 1.73
O1 SO4 K . -3.40 -16.06 1.96
O2 SO4 K . -5.38 -14.91 2.63
O3 SO4 K . -3.48 -13.74 1.78
O4 SO4 K . -4.88 -15.18 0.41
O1 PG4 L . -5.52 -18.40 -9.54
C1 PG4 L . -5.59 -17.03 -9.91
C2 PG4 L . -4.97 -16.14 -8.85
O2 PG4 L . -5.57 -14.85 -8.87
C3 PG4 L . -6.73 -14.76 -8.03
C4 PG4 L . -7.31 -13.37 -8.02
O3 PG4 L . -8.05 -13.14 -6.82
C5 PG4 L . -7.53 -12.09 -6.02
C6 PG4 L . -8.29 -11.95 -4.74
O4 PG4 L . -9.55 -11.33 -4.94
#